data_6V8U
#
_entry.id   6V8U
#
_cell.length_a   44.142
_cell.length_b   183.624
_cell.length_c   97.755
_cell.angle_alpha   90.000
_cell.angle_beta   90.000
_cell.angle_gamma   90.000
#
_symmetry.space_group_name_H-M   'C 2 2 2'
#
loop_
_entity.id
_entity.type
_entity.pdbx_description
1 polymer 'Transcriptional regulator Kaiso'
2 polymer "DNA (5'-D(*TP*GP*CP*TP*TP*CP*GP*TP*GP*CP*CP*AP*AP*TP*AP*AP*CP*G)-3')"
3 polymer "DNA (5'-D(*CP*GP*TP*TP*AP*TP*TP*GP*GP*CP*AP*CP*GP*AP*AP*GP*CP*A)-3')"
4 non-polymer 'ZINC ION'
5 non-polymer 'CHLORIDE ION'
6 non-polymer 'SODIUM ION'
7 water water
#
loop_
_entity_poly.entity_id
_entity_poly.type
_entity_poly.pdbx_seq_one_letter_code
_entity_poly.pdbx_strand_id
1 'polypeptide(L)'
;MANKRMKVKHDDHYELIVDGRVYYICIVCKRSYVCLTSLRRHFNIHSWEKKYPCRYCEKVFPLAEYRTKHEIHHTGERRY
QCLACGKSFINYQFMSSHIKSVHSQDPSGDSKLYRLHPCRSLQIRQYAYLSDRS
;
A
2 'polydeoxyribonucleotide' (DT)(DG)(DC)(DT)(DT)(DC)(DG)(DT)(DG)(DC)(DC)(DA)(DA)(DT)(DA)(DA)(DC)(DG) D
3 'polydeoxyribonucleotide' (DC)(DG)(DT)(DT)(DA)(DT)(DT)(DG)(DG)(DC)(DA)(DC)(DG)(DA)(DA)(DG)(DC)(DA) E
#
# COMPACT_ATOMS: atom_id res chain seq x y z
N ASP A 11 -2.70 -23.81 12.70
CA ASP A 11 -3.09 -24.25 11.37
C ASP A 11 -4.20 -23.36 10.81
N ASP A 12 -3.89 -22.65 9.73
CA ASP A 12 -4.77 -21.58 9.28
C ASP A 12 -5.02 -21.59 7.77
N HIS A 13 -4.74 -22.70 7.09
CA HIS A 13 -4.81 -22.71 5.64
C HIS A 13 -4.68 -24.14 5.15
N TYR A 14 -5.07 -24.35 3.89
CA TYR A 14 -4.77 -25.57 3.15
C TYR A 14 -4.24 -25.13 1.79
N GLU A 15 -3.79 -26.09 0.98
CA GLU A 15 -3.20 -25.72 -0.29
C GLU A 15 -3.91 -26.40 -1.45
N LEU A 16 -3.78 -25.76 -2.60
CA LEU A 16 -4.44 -26.24 -3.79
C LEU A 16 -3.46 -26.12 -4.93
N ILE A 17 -3.32 -27.17 -5.72
CA ILE A 17 -2.30 -27.25 -6.76
C ILE A 17 -3.00 -27.47 -8.07
N VAL A 18 -2.96 -26.47 -8.95
CA VAL A 18 -3.59 -26.52 -10.26
C VAL A 18 -2.50 -26.25 -11.29
N ASP A 19 -2.41 -27.12 -12.30
CA ASP A 19 -1.39 -27.02 -13.34
C ASP A 19 0.01 -26.81 -12.77
N GLY A 20 0.29 -27.52 -11.69
CA GLY A 20 1.57 -27.39 -11.02
C GLY A 20 1.77 -26.10 -10.27
N ARG A 21 0.74 -25.25 -10.15
CA ARG A 21 0.85 -24.00 -9.41
C ARG A 21 0.25 -24.15 -8.01
N VAL A 22 1.00 -23.78 -7.00
CA VAL A 22 0.53 -23.88 -5.61
C VAL A 22 -0.23 -22.62 -5.25
N TYR A 23 -1.39 -22.78 -4.64
CA TYR A 23 -2.17 -21.70 -4.08
C TYR A 23 -2.47 -22.00 -2.62
N TYR A 24 -2.36 -20.98 -1.77
CA TYR A 24 -2.66 -21.12 -0.36
C TYR A 24 -4.03 -20.52 -0.08
N ILE A 25 -4.90 -21.31 0.54
CA ILE A 25 -6.30 -20.98 0.75
C ILE A 25 -6.53 -20.69 2.22
N CYS A 26 -7.04 -19.51 2.53
CA CYS A 26 -7.42 -19.21 3.90
C CYS A 26 -8.60 -20.09 4.33
N ILE A 27 -8.51 -20.68 5.53
CA ILE A 27 -9.55 -21.62 5.97
C ILE A 27 -10.88 -20.92 6.29
N VAL A 28 -10.83 -19.64 6.67
CA VAL A 28 -12.03 -18.94 7.11
C VAL A 28 -12.84 -18.44 5.91
N CYS A 29 -12.20 -17.65 5.04
CA CYS A 29 -12.92 -17.02 3.94
C CYS A 29 -12.61 -17.64 2.58
N LYS A 30 -11.62 -18.52 2.49
CA LYS A 30 -11.25 -19.22 1.26
C LYS A 30 -10.66 -18.30 0.18
N ARG A 31 -10.15 -17.12 0.56
CA ARG A 31 -9.35 -16.36 -0.39
C ARG A 31 -8.06 -17.12 -0.71
N SER A 32 -7.59 -17.02 -1.95
CA SER A 32 -6.39 -17.70 -2.39
C SER A 32 -5.21 -16.76 -2.48
N TYR A 33 -4.02 -17.29 -2.22
CA TYR A 33 -2.81 -16.50 -2.18
C TYR A 33 -1.70 -17.27 -2.86
N VAL A 34 -0.96 -16.58 -3.73
CA VAL A 34 0.22 -17.16 -4.33
C VAL A 34 1.35 -17.26 -3.31
N CYS A 35 1.35 -16.39 -2.30
CA CYS A 35 2.41 -16.34 -1.29
C CYS A 35 1.84 -16.73 0.06
N LEU A 36 2.54 -17.62 0.77
CA LEU A 36 2.17 -17.89 2.15
C LEU A 36 2.29 -16.66 3.04
N THR A 37 3.26 -15.77 2.76
CA THR A 37 3.37 -14.56 3.58
C THR A 37 2.13 -13.69 3.42
N SER A 38 1.54 -13.67 2.22
CA SER A 38 0.34 -12.87 2.04
C SER A 38 -0.83 -13.48 2.79
N LEU A 39 -0.94 -14.81 2.81
CA LEU A 39 -2.01 -15.40 3.59
C LEU A 39 -1.87 -15.05 5.07
N ARG A 40 -0.64 -15.09 5.59
CA ARG A 40 -0.43 -14.76 7.00
C ARG A 40 -0.79 -13.31 7.30
N ARG A 41 -0.31 -12.39 6.46
CA ARG A 41 -0.66 -10.99 6.63
C ARG A 41 -2.17 -10.80 6.60
N HIS A 42 -2.84 -11.48 5.68
CA HIS A 42 -4.29 -11.41 5.58
C HIS A 42 -4.99 -12.01 6.80
N PHE A 43 -4.46 -13.11 7.33
CA PHE A 43 -5.21 -13.85 8.35
C PHE A 43 -5.43 -13.03 9.61
N ASN A 44 -4.55 -12.06 9.89
CA ASN A 44 -4.74 -11.21 11.05
C ASN A 44 -6.10 -10.51 11.02
N ILE A 45 -6.69 -10.34 9.84
CA ILE A 45 -8.04 -9.78 9.73
C ILE A 45 -9.05 -10.67 10.46
N HIS A 46 -8.80 -11.98 10.52
CA HIS A 46 -9.66 -12.89 11.25
C HIS A 46 -9.24 -13.04 12.70
N SER A 47 -7.94 -13.29 12.94
CA SER A 47 -7.48 -13.64 14.27
C SER A 47 -7.29 -12.42 15.17
N TRP A 48 -6.99 -11.26 14.58
CA TRP A 48 -6.60 -10.07 15.33
C TRP A 48 -5.53 -10.39 16.36
N GLU A 49 -4.65 -11.35 16.02
CA GLU A 49 -3.52 -11.66 16.88
C GLU A 49 -2.66 -10.43 17.12
N LYS A 50 -2.48 -9.62 16.09
CA LYS A 50 -1.63 -8.45 16.13
C LYS A 50 -2.49 -7.22 15.88
N LYS A 51 -2.33 -6.21 16.72
CA LYS A 51 -3.07 -4.95 16.60
C LYS A 51 -2.14 -3.85 16.14
N TYR A 52 -2.67 -2.97 15.26
CA TYR A 52 -1.94 -1.82 14.74
C TYR A 52 -2.75 -0.57 15.07
N PRO A 53 -2.62 -0.04 16.28
CA PRO A 53 -3.37 1.16 16.64
C PRO A 53 -2.70 2.42 16.10
N CYS A 54 -3.52 3.33 15.60
CA CYS A 54 -3.04 4.65 15.21
C CYS A 54 -2.45 5.36 16.42
N ARG A 55 -1.28 5.96 16.25
N ARG A 55 -1.29 5.97 16.25
CA ARG A 55 -0.66 6.67 17.37
CA ARG A 55 -0.66 6.67 17.37
C ARG A 55 -1.21 8.08 17.56
C ARG A 55 -1.22 8.08 17.57
N TYR A 56 -2.22 8.48 16.77
CA TYR A 56 -2.80 9.82 16.87
C TYR A 56 -4.29 9.84 17.13
N CYS A 57 -5.01 8.73 16.95
CA CYS A 57 -6.43 8.68 17.26
C CYS A 57 -6.76 7.26 17.73
N GLU A 58 -8.05 6.99 17.86
CA GLU A 58 -8.49 5.73 18.47
C GLU A 58 -8.50 4.56 17.51
N LYS A 59 -8.30 4.77 16.22
CA LYS A 59 -8.51 3.71 15.25
C LYS A 59 -7.46 2.60 15.38
N VAL A 60 -7.88 1.37 15.13
CA VAL A 60 -7.01 0.20 15.16
C VAL A 60 -7.18 -0.56 13.85
N PHE A 61 -6.06 -0.96 13.24
CA PHE A 61 -6.11 -1.60 11.93
C PHE A 61 -5.56 -3.01 12.01
N PRO A 62 -5.99 -3.91 11.12
CA PRO A 62 -5.46 -5.28 11.13
C PRO A 62 -4.19 -5.49 10.31
N LEU A 63 -3.76 -4.49 9.54
CA LEU A 63 -2.54 -4.57 8.75
C LEU A 63 -1.68 -3.36 9.09
N ALA A 64 -0.36 -3.56 9.17
CA ALA A 64 0.54 -2.45 9.48
C ALA A 64 0.40 -1.34 8.43
N GLU A 65 0.29 -1.70 7.16
CA GLU A 65 0.30 -0.69 6.10
C GLU A 65 -0.98 0.14 6.12
N TYR A 66 -2.09 -0.41 6.64
CA TYR A 66 -3.31 0.41 6.74
C TYR A 66 -3.11 1.51 7.78
N ARG A 67 -2.46 1.18 8.89
CA ARG A 67 -2.18 2.20 9.89
C ARG A 67 -1.23 3.27 9.33
N THR A 68 -0.17 2.84 8.65
CA THR A 68 0.82 3.79 8.15
C THR A 68 0.18 4.80 7.19
N LYS A 69 -0.57 4.29 6.21
CA LYS A 69 -1.22 5.19 5.27
C LYS A 69 -2.24 6.06 5.96
N HIS A 70 -2.86 5.56 7.03
CA HIS A 70 -3.76 6.38 7.82
C HIS A 70 -3.01 7.47 8.58
N GLU A 71 -1.86 7.15 9.16
CA GLU A 71 -1.17 8.13 9.99
C GLU A 71 -0.66 9.30 9.15
N ILE A 72 -0.38 9.08 7.87
CA ILE A 72 0.09 10.17 7.01
C ILE A 72 -0.99 11.24 6.85
N HIS A 73 -2.26 10.86 6.88
CA HIS A 73 -3.33 11.85 6.89
C HIS A 73 -3.25 12.75 8.11
N HIS A 74 -2.87 12.19 9.26
CA HIS A 74 -2.73 13.03 10.44
C HIS A 74 -1.62 14.06 10.26
N THR A 75 -0.48 13.66 9.72
CA THR A 75 0.62 14.61 9.65
C THR A 75 0.45 15.60 8.51
N GLY A 76 -0.23 15.19 7.43
CA GLY A 76 -0.42 16.01 6.25
C GLY A 76 0.74 16.02 5.28
N GLU A 77 1.75 15.18 5.48
CA GLU A 77 2.86 15.12 4.54
C GLU A 77 2.36 14.79 3.14
N ARG A 78 2.91 15.46 2.13
CA ARG A 78 2.50 15.24 0.75
C ARG A 78 3.69 14.66 -0.01
N ARG A 79 3.81 13.34 0.03
CA ARG A 79 4.98 12.65 -0.49
C ARG A 79 4.97 12.47 -2.01
N TYR A 80 3.81 12.58 -2.66
CA TYR A 80 3.70 12.26 -4.09
C TYR A 80 3.74 13.55 -4.89
N GLN A 81 4.81 13.80 -5.63
CA GLN A 81 4.95 15.04 -6.39
C GLN A 81 4.79 14.81 -7.89
N CYS A 82 3.86 15.54 -8.50
CA CYS A 82 3.75 15.56 -9.96
C CYS A 82 4.98 16.23 -10.56
N LEU A 83 5.65 15.56 -11.50
CA LEU A 83 6.85 16.15 -12.08
C LEU A 83 6.53 17.08 -13.25
N ALA A 84 5.28 17.14 -13.69
CA ALA A 84 4.94 18.02 -14.80
C ALA A 84 4.69 19.45 -14.33
N CYS A 85 4.15 19.64 -13.12
CA CYS A 85 3.87 20.98 -12.62
C CYS A 85 4.33 21.20 -11.19
N GLY A 86 4.75 20.16 -10.48
CA GLY A 86 5.32 20.33 -9.17
C GLY A 86 4.35 20.22 -8.00
N LYS A 87 3.05 20.05 -8.25
CA LYS A 87 2.08 19.91 -7.17
C LYS A 87 2.30 18.60 -6.43
N SER A 88 2.03 18.60 -5.13
CA SER A 88 2.25 17.42 -4.31
C SER A 88 0.93 16.92 -3.71
N PHE A 89 0.89 15.63 -3.38
CA PHE A 89 -0.34 14.93 -3.06
C PHE A 89 -0.08 13.91 -1.94
N ILE A 90 -1.10 13.65 -1.14
CA ILE A 90 -0.88 12.80 0.02
C ILE A 90 -0.78 11.32 -0.34
N ASN A 91 -1.32 10.91 -1.48
CA ASN A 91 -1.26 9.47 -1.80
C ASN A 91 -1.22 9.30 -3.32
N TYR A 92 -1.02 8.06 -3.73
CA TYR A 92 -0.92 7.76 -5.15
C TYR A 92 -2.20 8.14 -5.89
N GLN A 93 -3.36 7.88 -5.30
CA GLN A 93 -4.61 8.08 -6.00
C GLN A 93 -4.83 9.54 -6.39
N PHE A 94 -4.59 10.48 -5.46
CA PHE A 94 -4.72 11.89 -5.80
C PHE A 94 -3.73 12.30 -6.87
N MET A 95 -2.50 11.82 -6.76
CA MET A 95 -1.47 12.10 -7.75
C MET A 95 -1.89 11.57 -9.12
N SER A 96 -2.31 10.30 -9.16
CA SER A 96 -2.66 9.67 -10.43
C SER A 96 -3.81 10.40 -11.09
N SER A 97 -4.85 10.71 -10.31
CA SER A 97 -6.02 11.42 -10.84
C SER A 97 -5.65 12.82 -11.32
N HIS A 98 -4.75 13.51 -10.62
CA HIS A 98 -4.30 14.82 -11.08
C HIS A 98 -3.60 14.71 -12.44
N ILE A 99 -2.69 13.74 -12.55
CA ILE A 99 -1.89 13.63 -13.77
C ILE A 99 -2.77 13.21 -14.95
N LYS A 100 -3.74 12.30 -14.71
CA LYS A 100 -4.62 11.89 -15.80
C LYS A 100 -5.53 13.03 -16.25
N SER A 101 -6.11 13.77 -15.32
CA SER A 101 -7.08 14.79 -15.72
C SER A 101 -6.42 16.09 -16.16
N VAL A 102 -5.37 16.53 -15.48
CA VAL A 102 -4.75 17.82 -15.81
C VAL A 102 -3.71 17.67 -16.91
N HIS A 103 -2.98 16.58 -16.93
CA HIS A 103 -1.89 16.42 -17.87
C HIS A 103 -2.17 15.39 -18.96
N SER A 104 -3.29 14.68 -18.89
CA SER A 104 -3.67 13.67 -19.88
C SER A 104 -2.55 12.65 -20.11
N GLN A 105 -2.01 12.13 -19.02
CA GLN A 105 -0.95 11.15 -19.07
C GLN A 105 -1.19 10.12 -17.99
N ASP A 106 -0.69 8.90 -18.20
CA ASP A 106 -0.90 7.84 -17.24
C ASP A 106 0.39 7.58 -16.49
N PRO A 107 0.43 7.79 -15.17
CA PRO A 107 1.68 7.52 -14.44
C PRO A 107 1.99 6.05 -14.21
N SER A 108 1.04 5.14 -14.44
N SER A 108 1.04 5.15 -14.49
CA SER A 108 1.27 3.74 -14.10
CA SER A 108 1.27 3.74 -14.25
C SER A 108 2.28 3.15 -15.08
C SER A 108 2.19 3.15 -15.32
N GLY A 109 3.49 2.91 -14.58
N GLY A 109 2.68 1.94 -15.04
CA GLY A 109 4.57 2.38 -15.41
CA GLY A 109 3.63 1.27 -15.92
C GLY A 109 4.94 3.36 -16.51
C GLY A 109 5.06 1.66 -15.60
N ASP A 110 5.34 2.79 -17.66
N ASP A 110 5.68 2.43 -16.49
CA ASP A 110 5.71 3.55 -18.85
CA ASP A 110 7.06 2.89 -16.32
C ASP A 110 6.83 4.55 -18.56
C ASP A 110 7.19 4.23 -17.05
N SER A 111 6.48 5.82 -18.39
N SER A 111 6.75 5.30 -16.39
CA SER A 111 7.43 6.87 -18.03
CA SER A 111 6.73 6.63 -16.99
C SER A 111 7.22 7.28 -16.58
C SER A 111 7.39 7.71 -16.15
N LYS A 112 8.24 7.92 -16.01
N LYS A 112 7.59 7.50 -14.85
CA LYS A 112 8.20 8.35 -14.62
CA LYS A 112 8.30 8.42 -13.95
C LYS A 112 7.70 9.79 -14.58
C LYS A 112 7.68 9.82 -13.93
N LEU A 113 6.40 9.94 -14.29
CA LEU A 113 5.73 11.24 -14.23
C LEU A 113 5.58 11.77 -12.81
N TYR A 114 5.94 10.99 -11.79
CA TYR A 114 5.84 11.47 -10.42
C TYR A 114 7.08 11.03 -9.67
N ARG A 115 7.33 11.72 -8.55
CA ARG A 115 8.37 11.31 -7.62
C ARG A 115 7.72 11.00 -6.28
N LEU A 116 8.08 9.86 -5.67
CA LEU A 116 7.70 9.52 -4.31
C LEU A 116 8.86 9.93 -3.39
N HIS A 117 8.65 11.00 -2.61
CA HIS A 117 9.66 11.42 -1.66
C HIS A 117 9.71 10.45 -0.49
N PRO A 118 10.87 10.29 0.15
CA PRO A 118 10.93 9.55 1.43
C PRO A 118 9.91 10.07 2.44
N CYS A 119 9.56 9.25 3.42
CA CYS A 119 8.63 9.67 4.47
C CYS A 119 9.45 10.31 5.59
N ARG A 120 9.28 11.62 5.79
CA ARG A 120 9.98 12.32 6.85
C ARG A 120 9.08 12.71 8.02
N SER A 121 7.76 12.62 7.86
CA SER A 121 6.88 13.02 8.95
C SER A 121 6.61 11.90 9.94
N LEU A 122 6.93 10.64 9.58
CA LEU A 122 6.81 9.49 10.47
C LEU A 122 8.09 8.67 10.40
N GLN A 123 8.29 7.85 11.43
CA GLN A 123 9.32 6.82 11.43
C GLN A 123 8.75 5.57 10.78
N ILE A 124 8.98 5.41 9.48
CA ILE A 124 8.68 4.16 8.79
C ILE A 124 9.93 3.73 8.07
N ARG A 125 9.90 2.49 7.60
CA ARG A 125 11.03 1.92 6.89
C ARG A 125 11.39 2.76 5.67
N GLN A 126 12.69 2.98 5.46
CA GLN A 126 13.20 3.91 4.46
C GLN A 126 13.81 3.14 3.30
N TYR A 127 13.23 3.31 2.12
CA TYR A 127 13.69 2.65 0.89
C TYR A 127 14.72 3.53 0.20
N ALA A 128 15.95 3.02 0.05
CA ALA A 128 17.06 3.81 -0.46
C ALA A 128 16.88 4.27 -1.90
N TYR A 129 15.93 3.68 -2.65
CA TYR A 129 15.70 4.08 -4.03
C TYR A 129 14.89 5.37 -4.16
N LEU A 130 14.49 5.98 -3.04
CA LEU A 130 13.73 7.22 -3.06
C LEU A 130 14.63 8.43 -2.75
#